data_7CKG
#
_entry.id   7CKG
#
_cell.length_a   71.102
_cell.length_b   83.426
_cell.length_c   106.235
_cell.angle_alpha   90.000
_cell.angle_beta   90.000
_cell.angle_gamma   90.000
#
_symmetry.space_group_name_H-M   'P 21 21 21'
#
loop_
_entity.id
_entity.type
_entity.pdbx_description
1 polymer 'Tyrosine--tRNA ligase'
2 non-polymer 4-(trimethylsilyl)-L-phenylalanine
3 water water
#
_entity_poly.entity_id   1
_entity_poly.type   'polypeptide(L)'
_entity_poly.pdbx_seq_one_letter_code
;MDEFEMIKRNTSEIISEEELREVLKKDEKSAHIGFEPSGKIHLGHYLQIKKMIDLQNAGFDIGIVLADLQAYLNQKGELD
EIRKIGDYNKKVFEAMGLKAKYVYGSEFQLDKDYTLNVYRLALKTTLKRARRSMELIAREDENPKVAEVIYPIMQVNGGH
YLGGDVAVGGMEQRKIHMLARELLPKKVVCIHNPVLTGLDGEGKMSSSKGNFIAVDDSPEEIRAKIKKAYCPAGVVEGNP
IMEIAKYFLEYPLTIKRPEKFGGDLTVNSYEELESLFKNKELHPMDLKNAVAEELIKILEPIRKRLLEHHHHHH
;
_entity_poly.pdbx_strand_id   A,B
#
# COMPACT_ATOMS: atom_id res chain seq x y z
N ASP A 2 -5.87 -0.94 13.29
CA ASP A 2 -5.95 -0.30 11.98
C ASP A 2 -5.33 -1.19 10.88
N GLU A 3 -4.80 -0.54 9.84
CA GLU A 3 -4.73 -1.06 8.46
C GLU A 3 -6.08 -0.79 7.83
N PHE A 4 -6.95 -0.13 8.58
CA PHE A 4 -8.31 0.15 8.15
C PHE A 4 -8.35 0.80 6.77
N GLU A 5 -7.67 1.89 6.63
CA GLU A 5 -7.70 2.64 5.44
C GLU A 5 -7.12 1.86 4.27
N MET A 6 -6.07 1.11 4.52
CA MET A 6 -5.53 0.25 3.48
C MET A 6 -6.56 -0.78 3.04
N ILE A 7 -7.32 -1.35 3.98
CA ILE A 7 -8.34 -2.33 3.59
C ILE A 7 -9.48 -1.66 2.83
N LYS A 8 -9.86 -0.46 3.25
CA LYS A 8 -10.99 0.19 2.59
C LYS A 8 -10.65 0.64 1.17
N ARG A 9 -9.37 0.87 0.87
CA ARG A 9 -8.97 1.38 -0.44
C ARG A 9 -9.55 0.56 -1.58
N ASN A 10 -10.31 1.22 -2.46
CA ASN A 10 -10.85 0.68 -3.70
C ASN A 10 -11.99 -0.32 -3.49
N THR A 11 -12.58 -0.37 -2.30
CA THR A 11 -13.83 -1.11 -2.13
C THR A 11 -15.03 -0.19 -2.30
N SER A 12 -16.17 -0.78 -2.63
CA SER A 12 -17.40 0.01 -2.76
C SER A 12 -18.06 0.26 -1.40
N GLU A 13 -18.18 -0.77 -0.58
CA GLU A 13 -18.74 -0.56 0.74
C GLU A 13 -18.24 -1.61 1.72
N ILE A 14 -18.19 -1.20 2.97
CA ILE A 14 -17.92 -2.06 4.10
C ILE A 14 -19.14 -2.03 5.00
N ILE A 15 -19.63 -3.19 5.41
CA ILE A 15 -20.82 -3.28 6.25
C ILE A 15 -20.45 -4.04 7.53
N SER A 16 -20.19 -3.33 8.62
CA SER A 16 -20.09 -1.87 8.62
C SER A 16 -18.66 -1.47 9.00
N GLU A 17 -18.32 -0.20 8.76
CA GLU A 17 -16.98 0.27 9.10
C GLU A 17 -16.73 0.19 10.60
N GLU A 18 -17.73 0.61 11.39
CA GLU A 18 -17.63 0.53 12.85
C GLU A 18 -17.33 -0.90 13.29
N GLU A 19 -18.07 -1.87 12.72
CA GLU A 19 -17.79 -3.27 13.01
C GLU A 19 -16.41 -3.69 12.52
N LEU A 20 -15.95 -3.15 11.40
CA LEU A 20 -14.63 -3.51 10.90
C LEU A 20 -13.53 -2.99 11.82
N ARG A 21 -13.63 -1.75 12.26
CA ARG A 21 -12.67 -1.24 13.25
C ARG A 21 -12.63 -2.13 14.49
N GLU A 22 -13.79 -2.64 14.92
CA GLU A 22 -13.78 -3.55 16.06
C GLU A 22 -13.02 -4.82 15.73
N VAL A 23 -13.26 -5.40 14.56
CA VAL A 23 -12.54 -6.62 14.17
C VAL A 23 -11.04 -6.37 14.15
N LEU A 24 -10.64 -5.20 13.64
CA LEU A 24 -9.23 -4.89 13.42
C LEU A 24 -8.46 -4.76 14.72
N LYS A 25 -9.15 -4.58 15.86
CA LYS A 25 -8.48 -4.55 17.14
C LYS A 25 -8.00 -5.92 17.59
N LYS A 26 -8.55 -7.00 17.04
CA LYS A 26 -8.22 -8.33 17.53
C LYS A 26 -6.84 -8.78 17.07
N ASP A 27 -6.16 -9.52 17.94
CA ASP A 27 -4.91 -10.16 17.55
C ASP A 27 -5.14 -11.15 16.42
N GLU A 28 -6.24 -11.91 16.49
CA GLU A 28 -6.57 -12.92 15.50
C GLU A 28 -7.85 -12.54 14.77
N LYS A 29 -7.81 -12.60 13.45
CA LYS A 29 -8.99 -12.30 12.66
C LYS A 29 -8.91 -13.12 11.38
N SER A 30 -10.06 -13.41 10.80
CA SER A 30 -10.11 -14.26 9.62
C SER A 30 -11.12 -13.70 8.61
N ALA A 31 -10.81 -13.91 7.33
CA ALA A 31 -11.66 -13.44 6.25
C ALA A 31 -11.73 -14.49 5.15
N HIS A 32 -12.88 -14.59 4.51
CA HIS A 32 -13.11 -15.62 3.49
C HIS A 32 -13.75 -15.00 2.27
N ILE A 33 -13.57 -15.69 1.14
CA ILE A 33 -14.28 -15.40 -0.09
C ILE A 33 -14.49 -16.71 -0.83
N GLY A 34 -15.54 -16.78 -1.63
CA GLY A 34 -15.78 -17.94 -2.47
C GLY A 34 -15.78 -17.55 -3.94
N PHE A 35 -15.25 -18.43 -4.75
CA PHE A 35 -15.22 -18.29 -6.17
C PHE A 35 -15.81 -19.53 -6.84
N GLU A 36 -16.87 -19.34 -7.59
CA GLU A 36 -17.31 -20.33 -8.52
C GLU A 36 -16.12 -20.54 -9.49
N PRO A 37 -15.68 -21.86 -9.68
CA PRO A 37 -14.53 -21.97 -10.61
C PRO A 37 -14.80 -21.46 -12.03
N SER A 38 -13.83 -20.78 -12.62
CA SER A 38 -14.02 -20.14 -13.90
C SER A 38 -12.92 -20.60 -14.85
N GLY A 39 -13.31 -20.90 -16.08
CA GLY A 39 -12.35 -21.37 -17.06
C GLY A 39 -11.26 -20.35 -17.33
N LYS A 40 -11.62 -19.08 -17.38
CA LYS A 40 -10.63 -18.01 -17.49
C LYS A 40 -10.73 -17.17 -16.23
N ILE A 41 -9.57 -16.78 -15.69
CA ILE A 41 -9.49 -15.90 -14.55
C ILE A 41 -9.13 -14.51 -15.05
N HIS A 42 -9.92 -13.52 -14.68
CA HIS A 42 -9.85 -12.20 -15.28
C HIS A 42 -9.64 -11.13 -14.20
N LEU A 43 -9.68 -9.87 -14.63
CA LEU A 43 -9.35 -8.76 -13.74
C LEU A 43 -10.36 -8.62 -12.61
N GLY A 44 -11.58 -9.11 -12.80
CA GLY A 44 -12.54 -9.12 -11.71
C GLY A 44 -12.09 -10.01 -10.57
N HIS A 45 -11.63 -11.22 -10.92
CA HIS A 45 -11.03 -12.06 -9.90
C HIS A 45 -9.82 -11.39 -9.27
N TYR A 46 -8.92 -10.85 -10.10
CA TYR A 46 -7.68 -10.28 -9.58
C TYR A 46 -7.95 -9.14 -8.60
N LEU A 47 -8.95 -8.29 -8.91
CA LEU A 47 -9.32 -7.21 -8.00
C LEU A 47 -9.67 -7.77 -6.63
N GLN A 48 -10.43 -8.86 -6.62
CA GLN A 48 -10.84 -9.47 -5.36
C GLN A 48 -9.67 -10.14 -4.66
N ILE A 49 -8.80 -10.82 -5.43
CA ILE A 49 -7.63 -11.44 -4.82
C ILE A 49 -6.71 -10.38 -4.21
N LYS A 50 -6.50 -9.27 -4.94
CA LYS A 50 -5.76 -8.12 -4.42
C LYS A 50 -6.28 -7.71 -3.04
N LYS A 51 -7.62 -7.62 -2.90
CA LYS A 51 -8.19 -7.25 -1.61
C LYS A 51 -7.98 -8.34 -0.54
N MET A 52 -7.99 -9.61 -0.93
CA MET A 52 -7.65 -10.64 0.05
C MET A 52 -6.20 -10.49 0.48
N ILE A 53 -5.31 -10.15 -0.47
CA ILE A 53 -3.91 -9.92 -0.11
C ILE A 53 -3.80 -8.74 0.86
N ASP A 54 -4.57 -7.68 0.62
CA ASP A 54 -4.67 -6.56 1.57
C ASP A 54 -5.04 -7.07 2.97
N LEU A 55 -6.09 -7.87 3.05
CA LEU A 55 -6.49 -8.40 4.34
C LEU A 55 -5.39 -9.24 4.95
N GLN A 56 -4.73 -10.06 4.14
CA GLN A 56 -3.64 -10.86 4.64
C GLN A 56 -2.50 -9.97 5.14
N ASN A 57 -2.14 -8.95 4.38
CA ASN A 57 -1.13 -8.01 4.85
C ASN A 57 -1.51 -7.45 6.21
N ALA A 58 -2.81 -7.36 6.49
CA ALA A 58 -3.29 -6.73 7.70
C ALA A 58 -3.47 -7.71 8.85
N GLY A 59 -2.89 -8.90 8.76
CA GLY A 59 -2.97 -9.89 9.82
C GLY A 59 -4.17 -10.82 9.78
N PHE A 60 -4.94 -10.84 8.68
CA PHE A 60 -6.06 -11.75 8.53
C PHE A 60 -5.61 -13.11 8.01
N ASP A 61 -6.08 -14.19 8.63
CA ASP A 61 -6.00 -15.50 8.00
C ASP A 61 -7.05 -15.57 6.89
N ILE A 62 -6.61 -15.97 5.69
CA ILE A 62 -7.45 -15.94 4.50
C ILE A 62 -7.95 -17.35 4.20
N GLY A 63 -9.24 -17.49 4.00
CA GLY A 63 -9.81 -18.72 3.45
C GLY A 63 -10.43 -18.45 2.10
N ILE A 64 -10.15 -19.33 1.14
CA ILE A 64 -10.67 -19.24 -0.21
C ILE A 64 -11.50 -20.48 -0.44
N VAL A 65 -12.78 -20.30 -0.78
CA VAL A 65 -13.62 -21.44 -1.16
C VAL A 65 -13.69 -21.50 -2.66
N LEU A 66 -13.19 -22.60 -3.20
CA LEU A 66 -13.47 -22.98 -4.59
C LEU A 66 -14.89 -23.55 -4.56
N ALA A 67 -15.87 -22.71 -4.84
CA ALA A 67 -17.28 -23.03 -4.60
C ALA A 67 -17.83 -23.91 -5.72
N ASP A 68 -17.40 -25.17 -5.71
CA ASP A 68 -17.79 -26.10 -6.76
C ASP A 68 -19.25 -26.51 -6.64
N LEU A 69 -19.76 -26.68 -5.44
CA LEU A 69 -21.15 -27.00 -5.24
C LEU A 69 -22.03 -25.89 -5.72
N GLN A 70 -21.65 -24.66 -5.47
CA GLN A 70 -22.49 -23.53 -5.89
C GLN A 70 -22.45 -23.37 -7.41
N ALA A 71 -21.26 -23.48 -7.99
CA ALA A 71 -21.16 -23.45 -9.44
C ALA A 71 -22.05 -24.53 -10.06
N TYR A 72 -22.06 -25.71 -9.44
CA TYR A 72 -22.93 -26.80 -9.88
C TYR A 72 -24.40 -26.39 -9.79
N LEU A 73 -24.78 -25.74 -8.69
CA LEU A 73 -26.16 -25.29 -8.56
C LEU A 73 -26.47 -24.17 -9.53
N ASN A 74 -25.46 -23.39 -9.89
CA ASN A 74 -25.58 -22.34 -10.88
C ASN A 74 -25.39 -22.86 -12.30
N GLN A 75 -25.62 -24.17 -12.50
CA GLN A 75 -25.67 -24.78 -13.82
C GLN A 75 -24.36 -24.70 -14.56
N LYS A 76 -23.23 -24.56 -13.85
CA LYS A 76 -21.98 -24.46 -14.58
C LYS A 76 -21.47 -25.82 -15.05
N GLY A 77 -22.13 -26.92 -14.71
CA GLY A 77 -21.71 -28.20 -15.27
C GLY A 77 -21.61 -29.34 -14.28
N GLU A 78 -20.73 -30.29 -14.58
CA GLU A 78 -20.60 -31.47 -13.75
C GLU A 78 -19.62 -31.23 -12.61
N LEU A 79 -19.90 -31.85 -11.47
CA LEU A 79 -19.15 -31.56 -10.26
C LEU A 79 -17.65 -31.87 -10.45
N ASP A 80 -17.33 -33.05 -10.98
CA ASP A 80 -15.92 -33.39 -11.13
C ASP A 80 -15.22 -32.48 -12.15
N GLU A 81 -15.92 -32.04 -13.18
CA GLU A 81 -15.32 -31.10 -14.14
C GLU A 81 -15.13 -29.73 -13.52
N ILE A 82 -16.12 -29.27 -12.75
CA ILE A 82 -15.99 -28.00 -12.06
C ILE A 82 -14.81 -28.02 -11.11
N ARG A 83 -14.64 -29.14 -10.37
CA ARG A 83 -13.56 -29.24 -9.40
C ARG A 83 -12.20 -29.09 -10.05
N LYS A 84 -12.05 -29.63 -11.25
CA LYS A 84 -10.76 -29.56 -11.94
C LYS A 84 -10.44 -28.12 -12.35
N ILE A 85 -11.46 -27.36 -12.79
CA ILE A 85 -11.23 -25.94 -13.06
C ILE A 85 -10.87 -25.22 -11.76
N GLY A 86 -11.50 -25.61 -10.65
CA GLY A 86 -11.10 -25.08 -9.35
C GLY A 86 -9.61 -25.31 -9.06
N ASP A 87 -9.12 -26.52 -9.35
CA ASP A 87 -7.69 -26.82 -9.20
C ASP A 87 -6.84 -25.81 -9.96
N TYR A 88 -7.20 -25.55 -11.22
CA TYR A 88 -6.51 -24.53 -12.03
C TYR A 88 -6.67 -23.13 -11.45
N ASN A 89 -7.87 -22.80 -10.98
CA ASN A 89 -8.05 -21.49 -10.36
C ASN A 89 -7.14 -21.31 -9.14
N LYS A 90 -6.99 -22.36 -8.32
CA LYS A 90 -6.08 -22.28 -7.18
C LYS A 90 -4.66 -21.92 -7.61
N LYS A 91 -4.17 -22.52 -8.70
CA LYS A 91 -2.82 -22.17 -9.16
C LYS A 91 -2.73 -20.71 -9.58
N VAL A 92 -3.75 -20.21 -10.27
CA VAL A 92 -3.76 -18.80 -10.67
C VAL A 92 -3.72 -17.89 -9.45
N PHE A 93 -4.53 -18.20 -8.43
CA PHE A 93 -4.57 -17.34 -7.23
C PHE A 93 -3.21 -17.30 -6.54
N GLU A 94 -2.57 -18.46 -6.42
CA GLU A 94 -1.23 -18.50 -5.83
C GLU A 94 -0.23 -17.72 -6.67
N ALA A 95 -0.35 -17.80 -7.99
CA ALA A 95 0.53 -17.04 -8.88
C ALA A 95 0.28 -15.55 -8.73
N MET A 96 -0.87 -15.13 -8.22
CA MET A 96 -1.11 -13.71 -7.98
C MET A 96 -0.46 -13.23 -6.70
N GLY A 97 0.10 -14.12 -5.89
CA GLY A 97 0.73 -13.75 -4.65
C GLY A 97 -0.05 -14.11 -3.41
N LEU A 98 -1.18 -14.81 -3.55
CA LEU A 98 -2.01 -15.14 -2.40
C LEU A 98 -1.73 -16.55 -1.92
N LYS A 99 -1.20 -16.66 -0.72
CA LYS A 99 -1.11 -17.93 -0.01
C LYS A 99 -2.22 -17.95 1.05
N ALA A 100 -3.02 -19.00 1.03
CA ALA A 100 -4.21 -19.05 1.87
C ALA A 100 -4.60 -20.50 2.06
N LYS A 101 -5.70 -20.70 2.79
CA LYS A 101 -6.35 -22.01 2.88
C LYS A 101 -7.36 -22.11 1.75
N TYR A 102 -7.17 -23.10 0.89
CA TYR A 102 -8.08 -23.36 -0.22
C TYR A 102 -8.91 -24.60 0.12
N VAL A 103 -10.22 -24.43 0.18
CA VAL A 103 -11.19 -25.51 0.40
C VAL A 103 -12.12 -25.58 -0.78
N TYR A 104 -12.47 -26.76 -1.17
CA TYR A 104 -13.56 -26.98 -2.06
C TYR A 104 -14.86 -27.02 -1.27
N GLY A 105 -15.90 -26.39 -1.79
CA GLY A 105 -17.14 -26.29 -1.04
C GLY A 105 -17.69 -27.65 -0.68
N SER A 106 -17.66 -28.59 -1.62
CA SER A 106 -18.17 -29.93 -1.42
C SER A 106 -17.38 -30.72 -0.38
N GLU A 107 -16.30 -30.19 0.20
CA GLU A 107 -15.65 -30.89 1.30
C GLU A 107 -16.48 -30.86 2.57
N PHE A 108 -17.24 -29.78 2.80
CA PHE A 108 -18.10 -29.68 3.97
C PHE A 108 -19.57 -29.41 3.66
N GLN A 109 -19.92 -28.98 2.45
CA GLN A 109 -21.28 -28.54 2.19
C GLN A 109 -22.25 -29.69 1.92
N LEU A 110 -21.81 -30.93 2.09
CA LEU A 110 -22.68 -32.10 1.94
C LEU A 110 -22.73 -32.94 3.22
N ASP A 111 -22.13 -32.49 4.31
CA ASP A 111 -22.31 -33.14 5.61
C ASP A 111 -23.77 -33.09 6.05
N LYS A 112 -24.18 -34.09 6.85
CA LYS A 112 -25.59 -34.16 7.25
C LYS A 112 -25.97 -32.98 8.12
N ASP A 113 -25.08 -32.57 9.02
N ASP A 113 -25.11 -32.60 8.99
CA ASP A 113 -25.36 -31.41 9.87
CA ASP A 113 -25.47 -31.49 9.75
C ASP A 113 -25.40 -30.14 9.05
C ASP A 113 -25.34 -30.13 9.08
N TYR A 114 -24.49 -30.01 8.09
CA TYR A 114 -24.54 -28.87 7.18
C TYR A 114 -25.87 -28.85 6.43
N THR A 115 -26.27 -30.00 5.87
CA THR A 115 -27.49 -30.10 5.08
C THR A 115 -28.73 -29.79 5.90
N LEU A 116 -28.74 -30.23 7.17
CA LEU A 116 -29.87 -29.95 8.04
C LEU A 116 -30.00 -28.45 8.29
N ASN A 117 -28.87 -27.76 8.38
CA ASN A 117 -28.96 -26.32 8.58
C ASN A 117 -29.33 -25.58 7.31
N VAL A 118 -29.00 -26.13 6.14
CA VAL A 118 -29.54 -25.58 4.88
C VAL A 118 -31.06 -25.56 4.95
N TYR A 119 -31.65 -26.71 5.32
CA TYR A 119 -33.10 -26.81 5.42
C TYR A 119 -33.67 -25.94 6.56
N ARG A 120 -32.95 -25.81 7.68
CA ARG A 120 -33.35 -24.81 8.67
C ARG A 120 -33.38 -23.41 8.07
N LEU A 121 -32.31 -23.04 7.35
CA LEU A 121 -32.30 -21.74 6.72
C LEU A 121 -33.36 -21.63 5.63
N ALA A 122 -33.69 -22.75 4.98
CA ALA A 122 -34.75 -22.72 3.98
C ALA A 122 -36.10 -22.42 4.60
N LEU A 123 -36.30 -22.80 5.87
CA LEU A 123 -37.52 -22.46 6.59
C LEU A 123 -37.59 -20.99 6.93
N LYS A 124 -36.47 -20.29 6.93
CA LYS A 124 -36.47 -18.89 7.31
C LYS A 124 -36.28 -17.94 6.14
N THR A 125 -35.90 -18.43 4.97
CA THR A 125 -35.68 -17.58 3.83
C THR A 125 -36.89 -17.65 2.90
N THR A 126 -37.54 -16.51 2.69
CA THR A 126 -38.66 -16.44 1.75
C THR A 126 -38.18 -16.69 0.33
N LEU A 127 -39.07 -17.25 -0.49
CA LEU A 127 -38.78 -17.39 -1.91
C LEU A 127 -38.43 -16.04 -2.54
N LYS A 128 -39.11 -14.98 -2.10
CA LYS A 128 -38.88 -13.65 -2.66
C LYS A 128 -37.47 -13.16 -2.38
N ARG A 129 -37.08 -13.15 -1.10
CA ARG A 129 -35.73 -12.80 -0.69
C ARG A 129 -34.69 -13.59 -1.48
N ALA A 130 -34.91 -14.90 -1.61
CA ALA A 130 -33.97 -15.77 -2.31
C ALA A 130 -33.85 -15.39 -3.77
N ARG A 131 -35.00 -15.26 -4.46
CA ARG A 131 -34.97 -14.88 -5.87
C ARG A 131 -34.33 -13.52 -6.06
N ARG A 132 -34.67 -12.55 -5.21
CA ARG A 132 -34.11 -11.21 -5.34
C ARG A 132 -32.60 -11.17 -5.10
N SER A 133 -32.07 -12.03 -4.22
CA SER A 133 -30.65 -12.07 -3.94
C SER A 133 -29.85 -12.68 -5.09
N MET A 134 -30.50 -13.33 -6.05
CA MET A 134 -29.82 -14.01 -7.13
C MET A 134 -29.93 -13.27 -8.47
N GLU A 135 -30.52 -12.08 -8.47
CA GLU A 135 -30.81 -11.42 -9.75
C GLU A 135 -29.55 -11.14 -10.56
N LEU A 136 -28.46 -10.78 -9.89
CA LEU A 136 -27.21 -10.48 -10.59
C LEU A 136 -26.29 -11.69 -10.75
N ILE A 137 -26.60 -12.81 -10.09
CA ILE A 137 -25.72 -13.98 -10.04
C ILE A 137 -26.23 -15.11 -10.91
N ALA A 138 -27.54 -15.33 -10.91
CA ALA A 138 -28.13 -16.49 -11.54
C ALA A 138 -27.85 -16.51 -13.04
N ARG A 139 -27.34 -17.64 -13.52
CA ARG A 139 -27.29 -17.87 -14.95
C ARG A 139 -28.65 -17.57 -15.58
N GLU A 140 -28.63 -17.06 -16.81
CA GLU A 140 -29.90 -16.70 -17.44
C GLU A 140 -30.67 -17.97 -17.80
N ASP A 141 -31.99 -17.91 -17.61
CA ASP A 141 -32.83 -19.09 -17.78
C ASP A 141 -34.26 -18.65 -17.99
N GLU A 142 -34.88 -19.15 -19.03
CA GLU A 142 -36.26 -18.92 -19.35
C GLU A 142 -37.22 -19.66 -18.43
N ASN A 143 -36.78 -20.73 -17.81
CA ASN A 143 -37.59 -21.53 -16.89
C ASN A 143 -36.79 -21.70 -15.61
N PRO A 144 -36.76 -20.67 -14.76
CA PRO A 144 -35.87 -20.70 -13.58
C PRO A 144 -36.07 -21.95 -12.76
N LYS A 145 -34.97 -22.45 -12.23
CA LYS A 145 -34.89 -23.75 -11.57
C LYS A 145 -34.91 -23.60 -10.05
N VAL A 146 -35.36 -24.66 -9.37
CA VAL A 146 -35.30 -24.66 -7.91
C VAL A 146 -33.86 -24.41 -7.43
N ALA A 147 -32.88 -25.02 -8.11
CA ALA A 147 -31.47 -24.81 -7.78
C ALA A 147 -31.15 -23.33 -7.53
N GLU A 148 -31.82 -22.42 -8.23
CA GLU A 148 -31.47 -21.01 -8.13
C GLU A 148 -31.74 -20.46 -6.72
N VAL A 149 -32.81 -20.90 -6.06
CA VAL A 149 -33.07 -20.42 -4.70
C VAL A 149 -32.39 -21.26 -3.63
N ILE A 150 -31.82 -22.42 -3.99
CA ILE A 150 -31.00 -23.14 -3.04
C ILE A 150 -29.60 -22.50 -2.96
N TYR A 151 -29.18 -21.92 -4.05
CA TYR A 151 -27.85 -21.36 -4.16
C TYR A 151 -27.56 -20.34 -3.02
N PRO A 152 -28.43 -19.40 -2.75
CA PRO A 152 -28.08 -18.43 -1.70
C PRO A 152 -28.10 -19.00 -0.29
N ILE A 153 -28.99 -19.95 -0.01
CA ILE A 153 -28.98 -20.47 1.36
C ILE A 153 -27.77 -21.36 1.53
N MET A 154 -27.29 -21.94 0.43
CA MET A 154 -26.05 -22.70 0.46
C MET A 154 -24.87 -21.78 0.74
N GLN A 155 -24.84 -20.61 0.09
CA GLN A 155 -23.78 -19.65 0.37
C GLN A 155 -23.86 -19.11 1.80
N VAL A 156 -25.07 -18.88 2.33
CA VAL A 156 -25.22 -18.38 3.69
C VAL A 156 -24.68 -19.40 4.68
N ASN A 157 -25.08 -20.66 4.53
CA ASN A 157 -24.60 -21.70 5.43
C ASN A 157 -23.10 -21.89 5.29
N GLY A 158 -22.55 -21.65 4.11
CA GLY A 158 -21.11 -21.68 3.95
C GLY A 158 -20.43 -20.75 4.93
N GLY A 159 -20.82 -19.47 4.90
CA GLY A 159 -20.26 -18.51 5.85
C GLY A 159 -20.51 -18.91 7.30
N HIS A 160 -21.69 -19.48 7.58
CA HIS A 160 -21.94 -19.94 8.94
C HIS A 160 -20.90 -20.97 9.38
N TYR A 161 -20.59 -21.92 8.51
CA TYR A 161 -19.71 -23.01 8.90
C TYR A 161 -18.24 -22.59 8.91
N LEU A 162 -17.87 -21.60 8.10
CA LEU A 162 -16.50 -21.10 8.12
C LEU A 162 -16.23 -20.21 9.32
N GLY A 163 -17.26 -19.56 9.85
CA GLY A 163 -17.13 -18.78 11.07
C GLY A 163 -16.10 -17.66 11.04
N GLY A 164 -15.83 -17.06 9.88
CA GLY A 164 -14.89 -15.96 9.82
C GLY A 164 -15.44 -14.64 10.34
N ASP A 165 -14.53 -13.67 10.57
CA ASP A 165 -14.91 -12.32 10.98
C ASP A 165 -15.33 -11.45 9.80
N VAL A 166 -14.75 -11.68 8.62
CA VAL A 166 -14.99 -10.85 7.44
C VAL A 166 -15.38 -11.75 6.29
N ALA A 167 -16.38 -11.31 5.52
CA ALA A 167 -16.75 -11.94 4.27
C ALA A 167 -16.49 -10.93 3.16
N VAL A 168 -15.80 -11.37 2.11
CA VAL A 168 -15.47 -10.52 0.96
C VAL A 168 -16.15 -11.05 -0.29
N GLY A 169 -16.70 -10.15 -1.09
CA GLY A 169 -17.29 -10.57 -2.35
C GLY A 169 -17.51 -9.36 -3.22
N GLY A 170 -17.95 -9.60 -4.45
CA GLY A 170 -18.32 -8.51 -5.32
C GLY A 170 -19.66 -7.91 -4.95
N MET A 171 -19.94 -6.72 -5.50
CA MET A 171 -21.18 -6.04 -5.17
C MET A 171 -22.40 -6.84 -5.58
N GLU A 172 -22.27 -7.72 -6.57
CA GLU A 172 -23.39 -8.56 -6.97
C GLU A 172 -23.81 -9.53 -5.87
N GLN A 173 -22.98 -9.69 -4.85
CA GLN A 173 -23.20 -10.66 -3.79
C GLN A 173 -23.86 -10.04 -2.57
N ARG A 174 -24.12 -8.74 -2.60
CA ARG A 174 -24.46 -8.01 -1.38
C ARG A 174 -25.80 -8.46 -0.81
N LYS A 175 -26.77 -8.88 -1.64
CA LYS A 175 -28.05 -9.30 -1.09
C LYS A 175 -27.92 -10.65 -0.36
N ILE A 176 -27.11 -11.57 -0.90
CA ILE A 176 -26.84 -12.81 -0.17
C ILE A 176 -26.14 -12.51 1.15
N HIS A 177 -25.18 -11.56 1.12
CA HIS A 177 -24.50 -11.18 2.35
C HIS A 177 -25.47 -10.59 3.37
N MET A 178 -26.38 -9.72 2.93
CA MET A 178 -27.34 -9.16 3.87
C MET A 178 -28.24 -10.24 4.44
N LEU A 179 -28.53 -11.27 3.65
CA LEU A 179 -29.36 -12.37 4.14
C LEU A 179 -28.64 -13.14 5.24
N ALA A 180 -27.31 -13.30 5.11
CA ALA A 180 -26.54 -14.00 6.13
C ALA A 180 -26.49 -13.19 7.43
N ARG A 181 -26.35 -11.86 7.32
CA ARG A 181 -26.38 -11.00 8.49
C ARG A 181 -27.74 -11.03 9.20
N GLU A 182 -28.84 -11.14 8.45
CA GLU A 182 -30.13 -11.19 9.12
C GLU A 182 -30.46 -12.56 9.71
N LEU A 183 -29.85 -13.63 9.20
CA LEU A 183 -30.26 -14.97 9.56
C LEU A 183 -29.31 -15.68 10.53
N LEU A 184 -28.06 -15.29 10.58
CA LEU A 184 -27.06 -16.03 11.33
C LEU A 184 -26.82 -15.38 12.69
N PRO A 185 -26.35 -16.18 13.70
CA PRO A 185 -26.07 -15.60 15.02
C PRO A 185 -24.84 -14.70 15.00
N LYS A 186 -23.76 -15.15 14.35
CA LYS A 186 -22.57 -14.33 14.21
C LYS A 186 -22.71 -13.44 12.98
N LYS A 187 -22.72 -12.12 13.18
CA LYS A 187 -22.83 -11.17 12.10
C LYS A 187 -21.46 -10.91 11.48
N VAL A 188 -21.30 -11.25 10.19
CA VAL A 188 -20.02 -11.08 9.50
C VAL A 188 -19.92 -9.67 8.94
N VAL A 189 -18.74 -9.07 9.09
CA VAL A 189 -18.43 -7.82 8.40
C VAL A 189 -18.25 -8.11 6.91
N CYS A 190 -19.00 -7.39 6.08
CA CYS A 190 -18.97 -7.60 4.64
C CYS A 190 -18.14 -6.50 3.99
N ILE A 191 -17.21 -6.91 3.12
CA ILE A 191 -16.45 -5.99 2.27
C ILE A 191 -16.77 -6.32 0.82
N HIS A 192 -17.31 -5.35 0.09
CA HIS A 192 -17.73 -5.53 -1.29
C HIS A 192 -16.83 -4.75 -2.24
N ASN A 193 -16.34 -5.43 -3.25
CA ASN A 193 -15.55 -4.86 -4.32
C ASN A 193 -16.45 -4.43 -5.47
N PRO A 194 -16.08 -3.37 -6.19
CA PRO A 194 -16.84 -2.99 -7.38
C PRO A 194 -16.83 -4.11 -8.40
N VAL A 195 -17.90 -4.17 -9.19
CA VAL A 195 -17.97 -5.07 -10.34
C VAL A 195 -17.49 -4.28 -11.55
N LEU A 196 -16.46 -4.80 -12.21
CA LEU A 196 -15.89 -4.10 -13.36
C LEU A 196 -16.85 -4.11 -14.54
N THR A 197 -16.72 -3.08 -15.36
CA THR A 197 -17.49 -2.96 -16.58
C THR A 197 -16.83 -3.77 -17.68
N GLY A 198 -17.65 -4.43 -18.51
CA GLY A 198 -17.10 -5.20 -19.62
C GLY A 198 -16.40 -4.31 -20.63
N LEU A 199 -15.59 -4.96 -21.49
CA LEU A 199 -14.72 -4.22 -22.41
C LEU A 199 -15.52 -3.42 -23.44
N ASP A 200 -16.60 -3.98 -23.95
CA ASP A 200 -17.42 -3.22 -24.89
C ASP A 200 -18.33 -2.23 -24.19
N GLY A 201 -18.17 -2.05 -22.87
CA GLY A 201 -18.97 -1.10 -22.10
C GLY A 201 -20.42 -1.46 -21.93
N GLU A 202 -20.88 -2.61 -22.45
CA GLU A 202 -22.29 -2.93 -22.56
C GLU A 202 -22.82 -3.77 -21.40
N GLY A 203 -22.17 -3.71 -20.25
CA GLY A 203 -22.61 -4.46 -19.09
C GLY A 203 -21.43 -4.72 -18.18
N LYS A 204 -21.64 -5.67 -17.26
CA LYS A 204 -20.63 -6.01 -16.29
C LYS A 204 -19.71 -7.08 -16.84
N MET A 205 -18.42 -6.98 -16.52
CA MET A 205 -17.45 -7.98 -16.92
C MET A 205 -17.87 -9.36 -16.38
N SER A 206 -17.57 -10.41 -17.15
CA SER A 206 -18.06 -11.73 -16.78
C SER A 206 -17.37 -12.82 -17.59
N SER A 207 -17.15 -13.96 -16.96
CA SER A 207 -16.51 -15.10 -17.62
C SER A 207 -17.35 -15.60 -18.79
N SER A 208 -18.66 -15.52 -18.70
CA SER A 208 -19.55 -16.12 -19.69
C SER A 208 -19.89 -15.17 -20.84
N LYS A 209 -19.50 -13.90 -20.74
CA LYS A 209 -19.80 -12.91 -21.77
C LYS A 209 -18.62 -12.60 -22.69
N GLY A 210 -17.45 -13.21 -22.48
CA GLY A 210 -16.27 -12.94 -23.30
C GLY A 210 -15.90 -11.47 -23.46
N ASN A 211 -15.90 -10.72 -22.36
CA ASN A 211 -15.74 -9.27 -22.37
C ASN A 211 -14.77 -8.83 -21.28
N PHE A 212 -13.75 -9.64 -21.07
CA PHE A 212 -12.80 -9.46 -19.99
C PHE A 212 -11.38 -9.56 -20.54
N ILE A 213 -10.43 -9.13 -19.72
CA ILE A 213 -9.02 -9.45 -19.90
C ILE A 213 -8.68 -10.54 -18.91
N ALA A 214 -8.19 -11.68 -19.40
CA ALA A 214 -7.65 -12.71 -18.52
C ALA A 214 -6.26 -12.32 -18.03
N VAL A 215 -5.93 -12.71 -16.80
CA VAL A 215 -4.63 -12.42 -16.22
C VAL A 215 -3.50 -13.10 -16.98
N ASP A 216 -3.81 -14.11 -17.80
CA ASP A 216 -2.78 -14.79 -18.56
C ASP A 216 -2.93 -14.54 -20.06
N ASP A 217 -3.68 -13.52 -20.45
CA ASP A 217 -3.74 -13.16 -21.85
C ASP A 217 -2.36 -12.66 -22.30
N SER A 218 -2.00 -12.95 -23.55
CA SER A 218 -0.71 -12.47 -24.02
C SER A 218 -0.70 -10.95 -24.14
N PRO A 219 0.49 -10.33 -24.10
CA PRO A 219 0.55 -8.87 -24.28
C PRO A 219 -0.14 -8.40 -25.54
N GLU A 220 -0.01 -9.18 -26.62
CA GLU A 220 -0.64 -8.85 -27.89
C GLU A 220 -2.16 -8.91 -27.80
N GLU A 221 -2.69 -9.91 -27.10
N GLU A 221 -2.70 -9.90 -27.08
CA GLU A 221 -4.13 -9.99 -26.89
CA GLU A 221 -4.15 -9.96 -26.91
C GLU A 221 -4.63 -8.86 -26.00
C GLU A 221 -4.63 -8.85 -26.00
N ILE A 222 -3.87 -8.54 -24.94
CA ILE A 222 -4.21 -7.43 -24.06
C ILE A 222 -4.26 -6.11 -24.85
N ARG A 223 -3.25 -5.85 -25.69
CA ARG A 223 -3.27 -4.62 -26.47
C ARG A 223 -4.46 -4.58 -27.42
N ALA A 224 -4.80 -5.71 -28.04
CA ALA A 224 -5.95 -5.72 -28.93
C ALA A 224 -7.25 -5.48 -28.16
N LYS A 225 -7.41 -6.14 -27.02
CA LYS A 225 -8.65 -5.98 -26.27
C LYS A 225 -8.83 -4.55 -25.79
N ILE A 226 -7.73 -3.93 -25.33
CA ILE A 226 -7.81 -2.54 -24.88
C ILE A 226 -8.05 -1.61 -26.07
N LYS A 227 -7.35 -1.82 -27.18
CA LYS A 227 -7.53 -0.97 -28.36
C LYS A 227 -8.99 -0.91 -28.82
N LYS A 228 -9.65 -2.02 -28.83
CA LYS A 228 -11.01 -2.12 -29.27
C LYS A 228 -12.10 -1.77 -28.19
N ALA A 229 -11.65 -1.46 -26.98
CA ALA A 229 -12.49 -1.23 -25.84
C ALA A 229 -13.27 0.07 -25.87
N TYR A 230 -14.41 0.08 -25.20
CA TYR A 230 -15.24 1.25 -25.07
C TYR A 230 -14.57 2.25 -24.18
N CYS A 231 -14.40 3.46 -24.66
CA CYS A 231 -13.62 4.46 -23.98
C CYS A 231 -13.91 5.87 -24.46
N PRO A 232 -15.12 6.38 -24.24
CA PRO A 232 -15.50 7.69 -24.74
C PRO A 232 -14.74 8.82 -24.09
N ALA A 233 -14.25 9.71 -24.93
CA ALA A 233 -13.47 10.80 -24.44
C ALA A 233 -14.30 11.57 -23.45
N GLY A 234 -13.68 11.93 -22.37
CA GLY A 234 -14.30 12.72 -21.34
C GLY A 234 -15.20 11.91 -20.43
N VAL A 235 -15.40 10.65 -20.73
CA VAL A 235 -16.35 9.86 -19.99
C VAL A 235 -15.62 8.88 -19.08
N VAL A 236 -15.80 9.04 -17.78
CA VAL A 236 -15.16 8.23 -16.80
C VAL A 236 -16.07 7.12 -16.31
N GLU A 237 -17.32 7.43 -16.00
CA GLU A 237 -18.21 6.41 -15.49
C GLU A 237 -18.60 5.47 -16.57
N GLY A 238 -18.54 4.18 -16.30
CA GLY A 238 -18.81 3.19 -17.29
C GLY A 238 -17.65 2.84 -18.22
N ASN A 239 -16.50 3.46 -17.99
CA ASN A 239 -15.35 3.31 -18.82
C ASN A 239 -14.41 2.27 -18.25
N PRO A 240 -14.35 1.13 -19.07
CA PRO A 240 -13.50 0.06 -18.55
C PRO A 240 -12.02 0.40 -18.41
N ILE A 241 -11.48 1.20 -19.32
CA ILE A 241 -10.12 1.63 -19.28
C ILE A 241 -9.77 2.50 -18.07
N MET A 242 -10.66 3.40 -17.73
CA MET A 242 -10.51 4.22 -16.57
C MET A 242 -10.54 3.32 -15.31
N GLU A 243 -11.41 2.34 -15.32
CA GLU A 243 -11.48 1.45 -14.16
C GLU A 243 -10.17 0.68 -13.97
N ILE A 244 -9.66 0.08 -15.05
CA ILE A 244 -8.34 -0.57 -14.97
C ILE A 244 -7.32 0.40 -14.41
N ALA A 245 -7.30 1.63 -14.92
CA ALA A 245 -6.36 2.61 -14.40
C ALA A 245 -6.58 2.84 -12.92
N LYS A 246 -7.85 2.87 -12.50
CA LYS A 246 -8.17 3.13 -11.10
C LYS A 246 -7.74 1.98 -10.19
N TYR A 247 -8.02 0.73 -10.57
CA TYR A 247 -7.92 -0.38 -9.62
C TYR A 247 -6.64 -1.20 -9.73
N PHE A 248 -5.85 -1.02 -10.77
CA PHE A 248 -4.67 -1.85 -10.94
C PHE A 248 -3.36 -1.08 -11.08
N LEU A 249 -3.39 0.13 -11.64
CA LEU A 249 -2.16 0.83 -12.00
C LEU A 249 -1.56 1.56 -10.80
N GLU A 250 -0.27 1.84 -10.89
CA GLU A 250 0.46 2.50 -9.82
C GLU A 250 0.77 3.95 -10.21
N TYR A 251 0.89 4.80 -9.19
CA TYR A 251 1.06 6.22 -9.42
C TYR A 251 2.26 6.73 -8.64
N PRO A 252 3.00 7.71 -9.19
CA PRO A 252 2.76 8.42 -10.46
C PRO A 252 2.81 7.52 -11.69
N LEU A 253 1.95 7.86 -12.63
CA LEU A 253 1.82 7.15 -13.90
C LEU A 253 2.41 8.02 -15.00
N THR A 254 3.21 7.42 -15.88
CA THR A 254 3.83 8.14 -16.98
C THR A 254 3.16 7.75 -18.29
N ILE A 255 2.46 8.70 -18.90
CA ILE A 255 1.72 8.48 -20.14
C ILE A 255 2.55 9.04 -21.29
N LYS A 256 3.04 8.15 -22.13
CA LYS A 256 3.90 8.56 -23.24
C LYS A 256 3.04 9.04 -24.41
N ARG A 257 3.48 10.12 -25.05
CA ARG A 257 2.80 10.71 -26.20
C ARG A 257 3.83 11.28 -27.15
N PRO A 258 3.54 11.31 -28.45
CA PRO A 258 4.35 12.13 -29.36
C PRO A 258 4.23 13.61 -28.98
N GLU A 259 5.20 14.40 -29.46
CA GLU A 259 5.20 15.82 -29.14
C GLU A 259 4.02 16.54 -29.78
N LYS A 260 3.52 16.03 -30.91
CA LYS A 260 2.46 16.73 -31.63
C LYS A 260 1.14 16.67 -30.87
N PHE A 261 0.98 15.74 -29.95
CA PHE A 261 -0.24 15.62 -29.15
C PHE A 261 -0.03 16.01 -27.69
N GLY A 262 1.11 16.62 -27.35
CA GLY A 262 1.41 17.05 -25.99
C GLY A 262 2.71 16.50 -25.42
N GLY A 263 3.30 15.48 -26.03
CA GLY A 263 4.48 14.86 -25.48
C GLY A 263 4.16 14.08 -24.22
N ASP A 264 5.21 13.53 -23.62
CA ASP A 264 5.07 12.68 -22.45
C ASP A 264 4.36 13.43 -21.31
N LEU A 265 3.71 12.66 -20.44
CA LEU A 265 2.85 13.20 -19.38
C LEU A 265 3.06 12.40 -18.11
N THR A 266 3.12 13.08 -16.96
CA THR A 266 3.23 12.42 -15.66
C THR A 266 2.03 12.79 -14.81
N VAL A 267 1.22 11.78 -14.46
CA VAL A 267 0.03 11.93 -13.65
C VAL A 267 0.31 11.33 -12.28
N ASN A 268 0.10 12.12 -11.23
CA ASN A 268 0.49 11.70 -9.89
C ASN A 268 -0.61 10.95 -9.14
N SER A 269 -1.80 10.82 -9.73
CA SER A 269 -2.92 10.22 -9.02
C SER A 269 -3.98 9.81 -10.04
N TYR A 270 -4.80 8.82 -9.65
CA TYR A 270 -5.96 8.48 -10.46
C TYR A 270 -6.97 9.62 -10.51
N GLU A 271 -7.10 10.39 -9.43
CA GLU A 271 -8.00 11.54 -9.46
C GLU A 271 -7.50 12.56 -10.47
N GLU A 272 -6.19 12.82 -10.48
CA GLU A 272 -5.63 13.70 -11.49
C GLU A 272 -5.86 13.13 -12.89
N LEU A 273 -5.58 11.83 -13.07
CA LEU A 273 -5.90 11.16 -14.32
C LEU A 273 -7.37 11.37 -14.69
N GLU A 274 -8.26 11.33 -13.69
CA GLU A 274 -9.69 11.43 -13.97
C GLU A 274 -10.08 12.79 -14.53
N SER A 275 -9.53 13.86 -13.98
CA SER A 275 -9.89 15.19 -14.45
C SER A 275 -9.27 15.48 -15.82
N LEU A 276 -8.02 15.08 -16.03
CA LEU A 276 -7.39 15.15 -17.35
C LEU A 276 -8.25 14.50 -18.41
N PHE A 277 -8.71 13.28 -18.17
CA PHE A 277 -9.57 12.62 -19.14
C PHE A 277 -10.93 13.30 -19.25
N LYS A 278 -11.54 13.64 -18.10
CA LYS A 278 -12.83 14.32 -18.15
C LYS A 278 -12.74 15.65 -18.90
N ASN A 279 -11.66 16.37 -18.71
CA ASN A 279 -11.42 17.64 -19.40
C ASN A 279 -11.20 17.44 -20.91
N LYS A 280 -10.93 16.21 -21.34
CA LYS A 280 -10.45 15.90 -22.70
C LYS A 280 -9.03 16.41 -22.93
N GLU A 281 -8.26 16.53 -21.86
CA GLU A 281 -6.82 16.78 -21.99
C GLU A 281 -6.09 15.54 -22.45
N LEU A 282 -6.54 14.37 -22.00
CA LEU A 282 -5.91 13.09 -22.34
C LEU A 282 -6.83 12.35 -23.29
N HIS A 283 -6.36 12.09 -24.49
CA HIS A 283 -7.13 11.44 -25.54
C HIS A 283 -7.26 9.94 -25.26
N PRO A 284 -8.37 9.31 -25.66
CA PRO A 284 -8.52 7.86 -25.41
C PRO A 284 -7.39 6.99 -25.97
N MET A 285 -6.86 7.30 -27.15
CA MET A 285 -5.77 6.50 -27.70
C MET A 285 -4.57 6.51 -26.75
N ASP A 286 -4.19 7.68 -26.25
CA ASP A 286 -3.06 7.77 -25.35
C ASP A 286 -3.34 7.10 -24.01
N LEU A 287 -4.58 7.20 -23.52
CA LEU A 287 -4.95 6.46 -22.31
C LEU A 287 -4.82 4.97 -22.52
N LYS A 288 -5.36 4.46 -23.63
CA LYS A 288 -5.30 3.03 -23.91
C LYS A 288 -3.87 2.52 -23.95
N ASN A 289 -2.98 3.22 -24.66
CA ASN A 289 -1.59 2.78 -24.77
C ASN A 289 -0.94 2.69 -23.40
N ALA A 290 -1.17 3.71 -22.57
CA ALA A 290 -0.53 3.69 -21.26
C ALA A 290 -1.12 2.59 -20.38
N VAL A 291 -2.45 2.42 -20.41
CA VAL A 291 -3.07 1.39 -19.59
C VAL A 291 -2.62 0.01 -20.05
N ALA A 292 -2.65 -0.23 -21.36
CA ALA A 292 -2.19 -1.51 -21.88
C ALA A 292 -0.76 -1.85 -21.41
N GLU A 293 0.20 -0.93 -21.60
CA GLU A 293 1.60 -1.27 -21.30
C GLU A 293 1.83 -1.45 -19.79
N GLU A 294 1.23 -0.61 -18.95
CA GLU A 294 1.38 -0.81 -17.51
C GLU A 294 0.67 -2.08 -17.06
N LEU A 295 -0.47 -2.41 -17.67
CA LEU A 295 -1.19 -3.62 -17.27
C LEU A 295 -0.43 -4.87 -17.67
N ILE A 296 0.20 -4.85 -18.84
CA ILE A 296 1.04 -5.98 -19.26
C ILE A 296 2.13 -6.22 -18.23
N LYS A 297 2.76 -5.15 -17.75
CA LYS A 297 3.81 -5.31 -16.76
C LYS A 297 3.26 -5.81 -15.43
N ILE A 298 2.05 -5.37 -15.07
N ILE A 298 2.05 -5.37 -15.07
CA ILE A 298 1.43 -5.85 -13.83
CA ILE A 298 1.43 -5.86 -13.84
C ILE A 298 1.14 -7.35 -13.93
C ILE A 298 1.15 -7.34 -13.94
N LEU A 299 0.59 -7.77 -15.07
CA LEU A 299 0.21 -9.18 -15.23
C LEU A 299 1.35 -10.06 -15.66
N GLU A 300 2.52 -9.47 -15.97
CA GLU A 300 3.66 -10.23 -16.49
C GLU A 300 4.06 -11.38 -15.57
N PRO A 301 4.41 -11.16 -14.30
CA PRO A 301 4.86 -12.30 -13.48
C PRO A 301 3.76 -13.30 -13.15
N ILE A 302 2.48 -12.91 -13.22
CA ILE A 302 1.41 -13.91 -13.12
C ILE A 302 1.45 -14.84 -14.31
N ARG A 303 1.43 -14.27 -15.51
CA ARG A 303 1.45 -15.07 -16.75
C ARG A 303 2.68 -15.96 -16.80
N LYS A 304 3.82 -15.42 -16.39
CA LYS A 304 5.07 -16.18 -16.47
C LYS A 304 5.00 -17.42 -15.59
N ARG A 305 4.57 -17.27 -14.33
CA ARG A 305 4.49 -18.44 -13.46
C ARG A 305 3.50 -19.47 -14.00
N LEU A 306 2.41 -19.00 -14.62
CA LEU A 306 1.47 -19.93 -15.23
C LEU A 306 2.03 -20.60 -16.49
N LEU A 307 3.00 -19.97 -17.17
CA LEU A 307 3.53 -20.56 -18.40
C LEU A 307 4.90 -21.20 -18.25
N GLU A 308 5.66 -20.89 -17.19
CA GLU A 308 7.09 -21.22 -17.16
C GLU A 308 7.36 -22.73 -17.09
N HIS A 309 6.34 -23.56 -16.83
CA HIS A 309 6.45 -24.99 -17.04
C HIS A 309 6.41 -25.39 -18.52
N HIS A 310 5.81 -24.55 -19.36
CA HIS A 310 5.62 -24.74 -20.82
C HIS A 310 4.42 -25.63 -21.15
N MET B 1 3.50 26.77 -5.07
CA MET B 1 3.01 25.41 -5.23
C MET B 1 1.91 25.09 -4.20
N ASP B 2 1.09 24.11 -4.55
CA ASP B 2 0.04 23.63 -3.64
C ASP B 2 0.66 23.00 -2.39
N GLU B 3 0.16 23.40 -1.23
CA GLU B 3 0.69 22.87 0.03
C GLU B 3 0.52 21.36 0.11
N PHE B 4 -0.68 20.85 -0.21
CA PHE B 4 -0.91 19.41 -0.13
C PHE B 4 0.06 18.65 -1.01
N GLU B 5 0.20 19.06 -2.27
CA GLU B 5 1.11 18.35 -3.15
C GLU B 5 2.55 18.48 -2.67
N MET B 6 2.93 19.64 -2.11
CA MET B 6 4.27 19.81 -1.56
C MET B 6 4.52 18.86 -0.39
N ILE B 7 3.54 18.75 0.52
CA ILE B 7 3.66 17.80 1.62
C ILE B 7 3.69 16.37 1.10
N LYS B 8 2.81 16.04 0.15
CA LYS B 8 2.69 14.66 -0.33
C LYS B 8 3.95 14.18 -1.08
N ARG B 9 4.66 15.09 -1.72
CA ARG B 9 5.72 14.68 -2.64
C ARG B 9 6.81 13.88 -1.92
N ASN B 10 7.17 12.74 -2.52
CA ASN B 10 8.21 11.81 -2.06
C ASN B 10 7.85 11.09 -0.76
N THR B 11 6.59 11.14 -0.32
CA THR B 11 6.15 10.34 0.80
C THR B 11 5.66 8.99 0.30
N SER B 12 5.61 8.00 1.20
CA SER B 12 5.07 6.70 0.82
C SER B 12 3.62 6.51 1.22
N GLU B 13 3.13 7.28 2.20
CA GLU B 13 1.83 7.01 2.77
C GLU B 13 1.39 8.23 3.57
N ILE B 14 0.12 8.58 3.43
CA ILE B 14 -0.51 9.60 4.26
C ILE B 14 -1.76 8.95 4.88
N ILE B 15 -1.91 9.09 6.19
N ILE B 15 -1.91 9.10 6.19
CA ILE B 15 -3.04 8.51 6.92
CA ILE B 15 -3.04 8.51 6.92
C ILE B 15 -3.74 9.66 7.64
C ILE B 15 -3.75 9.66 7.64
N SER B 16 -4.76 10.24 7.01
CA SER B 16 -5.14 9.94 5.62
C SER B 16 -5.13 11.26 4.85
N GLU B 17 -5.28 11.18 3.52
CA GLU B 17 -5.27 12.40 2.73
C GLU B 17 -6.45 13.30 3.08
N GLU B 18 -7.63 12.72 3.32
CA GLU B 18 -8.79 13.56 3.65
C GLU B 18 -8.62 14.29 4.98
N GLU B 19 -8.07 13.62 6.01
CA GLU B 19 -7.72 14.34 7.23
C GLU B 19 -6.61 15.36 7.01
N LEU B 20 -5.70 15.13 6.06
CA LEU B 20 -4.67 16.13 5.82
C LEU B 20 -5.27 17.43 5.25
N ARG B 21 -6.29 17.32 4.40
CA ARG B 21 -6.92 18.53 3.88
C ARG B 21 -7.58 19.32 4.98
N GLU B 22 -8.25 18.64 5.92
CA GLU B 22 -8.94 19.36 6.97
C GLU B 22 -7.96 20.07 7.90
N VAL B 23 -6.78 19.48 8.12
CA VAL B 23 -5.78 20.16 8.95
C VAL B 23 -5.22 21.37 8.21
N LEU B 24 -5.03 21.27 6.90
CA LEU B 24 -4.44 22.38 6.17
C LEU B 24 -5.36 23.58 6.07
N LYS B 25 -6.66 23.41 6.39
CA LYS B 25 -7.58 24.54 6.51
C LYS B 25 -7.28 25.43 7.71
N LYS B 26 -6.60 24.89 8.72
CA LYS B 26 -6.38 25.66 9.94
C LYS B 26 -5.17 26.58 9.77
N ASP B 27 -5.25 27.77 10.37
CA ASP B 27 -4.10 28.66 10.40
C ASP B 27 -3.02 28.14 11.34
N GLU B 28 -3.42 27.71 12.53
CA GLU B 28 -2.50 27.18 13.53
C GLU B 28 -2.50 25.65 13.45
N LYS B 29 -1.34 25.10 13.11
CA LYS B 29 -1.20 23.67 12.89
C LYS B 29 0.24 23.30 13.17
N SER B 30 0.43 22.11 13.72
CA SER B 30 1.75 21.65 14.12
C SER B 30 1.97 20.22 13.63
N ALA B 31 3.25 19.89 13.50
CA ALA B 31 3.73 18.59 13.09
C ALA B 31 4.88 18.20 14.01
N HIS B 32 5.11 16.93 14.16
CA HIS B 32 6.22 16.47 14.93
C HIS B 32 6.81 15.17 14.45
N ILE B 33 8.03 14.93 14.90
CA ILE B 33 8.75 13.70 14.64
C ILE B 33 9.73 13.49 15.78
N GLY B 34 10.05 12.23 16.03
CA GLY B 34 11.01 11.87 17.04
C GLY B 34 12.15 11.19 16.31
N PHE B 35 13.34 11.30 16.89
CA PHE B 35 14.49 10.56 16.40
C PHE B 35 15.18 9.99 17.61
N GLU B 36 15.43 8.70 17.62
CA GLU B 36 16.36 8.15 18.52
C GLU B 36 17.74 8.76 18.22
N PRO B 37 18.41 9.37 19.17
CA PRO B 37 19.72 9.98 18.84
C PRO B 37 20.62 8.95 18.18
N SER B 38 21.31 9.37 17.12
CA SER B 38 22.14 8.48 16.32
C SER B 38 23.54 9.06 16.12
N GLY B 39 24.55 8.23 16.33
CA GLY B 39 25.92 8.70 16.25
C GLY B 39 26.25 9.30 14.89
N LYS B 40 25.66 8.73 13.83
CA LYS B 40 25.80 9.27 12.48
C LYS B 40 24.42 9.65 11.96
N ILE B 41 24.31 10.87 11.45
CA ILE B 41 23.09 11.32 10.79
C ILE B 41 23.26 11.10 9.30
N HIS B 42 22.32 10.36 8.71
CA HIS B 42 22.47 9.85 7.37
C HIS B 42 21.32 10.33 6.46
N LEU B 43 21.33 9.84 5.21
CA LEU B 43 20.37 10.33 4.22
C LEU B 43 18.92 9.99 4.62
N GLY B 44 18.69 8.86 5.31
CA GLY B 44 17.39 8.59 5.88
C GLY B 44 16.93 9.66 6.85
N HIS B 45 17.85 10.15 7.69
CA HIS B 45 17.55 11.30 8.53
C HIS B 45 17.26 12.54 7.70
N TYR B 46 18.14 12.83 6.72
CA TYR B 46 17.99 14.00 5.85
C TYR B 46 16.62 14.05 5.19
N LEU B 47 16.21 12.94 4.57
CA LEU B 47 14.91 12.88 3.90
C LEU B 47 13.78 13.30 4.84
N GLN B 48 13.82 12.81 6.08
CA GLN B 48 12.77 13.15 7.03
C GLN B 48 12.81 14.63 7.39
N ILE B 49 14.00 15.17 7.60
CA ILE B 49 14.12 16.59 7.94
C ILE B 49 13.65 17.47 6.78
N LYS B 50 13.97 17.06 5.54
CA LYS B 50 13.46 17.76 4.36
C LYS B 50 11.93 17.80 4.36
N LYS B 51 11.29 16.70 4.77
CA LYS B 51 9.83 16.69 4.84
C LYS B 51 9.33 17.62 5.93
N MET B 52 10.08 17.76 7.03
CA MET B 52 9.65 18.67 8.09
C MET B 52 9.76 20.12 7.62
N ILE B 53 10.76 20.42 6.79
CA ILE B 53 10.88 21.75 6.20
C ILE B 53 9.73 22.01 5.24
N ASP B 54 9.40 21.02 4.39
CA ASP B 54 8.18 21.10 3.58
C ASP B 54 6.99 21.54 4.41
N LEU B 55 6.69 20.77 5.47
CA LEU B 55 5.55 21.09 6.33
C LEU B 55 5.67 22.50 6.92
N GLN B 56 6.83 22.83 7.49
CA GLN B 56 7.07 24.18 7.98
C GLN B 56 6.81 25.23 6.90
N ASN B 57 7.23 24.95 5.66
CA ASN B 57 6.96 25.83 4.54
C ASN B 57 5.47 25.90 4.19
N ALA B 58 4.66 24.99 4.74
CA ALA B 58 3.21 25.03 4.56
C ALA B 58 2.49 25.57 5.79
N GLY B 59 3.21 26.20 6.71
CA GLY B 59 2.59 26.82 7.87
C GLY B 59 2.47 25.99 9.12
N PHE B 60 3.19 24.86 9.21
CA PHE B 60 3.18 24.03 10.41
C PHE B 60 4.29 24.46 11.36
N ASP B 61 3.94 24.62 12.64
CA ASP B 61 4.94 24.75 13.69
C ASP B 61 5.57 23.37 13.92
N ILE B 62 6.89 23.30 13.84
CA ILE B 62 7.58 22.02 13.86
C ILE B 62 8.10 21.71 15.26
N GLY B 63 7.89 20.46 15.70
CA GLY B 63 8.50 19.96 16.91
C GLY B 63 9.37 18.75 16.60
N ILE B 64 10.59 18.75 17.11
CA ILE B 64 11.55 17.67 16.91
C ILE B 64 11.83 17.10 18.29
N VAL B 65 11.41 15.86 18.53
CA VAL B 65 11.68 15.18 19.79
C VAL B 65 12.97 14.39 19.63
N LEU B 66 13.98 14.76 20.42
CA LEU B 66 15.21 13.97 20.46
C LEU B 66 14.90 12.84 21.43
N ALA B 67 14.70 11.63 20.90
CA ALA B 67 13.96 10.61 21.65
C ALA B 67 14.89 9.82 22.58
N ASP B 68 15.31 10.47 23.66
CA ASP B 68 16.32 9.84 24.52
C ASP B 68 15.72 8.71 25.37
N LEU B 69 14.52 8.91 25.91
CA LEU B 69 13.91 7.84 26.71
C LEU B 69 13.63 6.61 25.86
N GLN B 70 13.13 6.80 24.66
CA GLN B 70 12.91 5.71 23.75
C GLN B 70 14.21 5.03 23.35
N ALA B 71 15.22 5.81 23.04
CA ALA B 71 16.51 5.20 22.77
C ALA B 71 17.02 4.44 23.98
N TYR B 72 16.79 5.00 25.18
CA TYR B 72 17.16 4.29 26.40
C TYR B 72 16.44 2.95 26.52
N LEU B 73 15.11 2.95 26.34
CA LEU B 73 14.35 1.71 26.35
C LEU B 73 14.79 0.75 25.24
N ASN B 74 15.31 1.27 24.11
CA ASN B 74 15.76 0.44 22.98
C ASN B 74 17.26 0.14 23.04
N GLN B 75 17.87 0.16 24.24
CA GLN B 75 19.21 -0.38 24.49
C GLN B 75 20.30 0.39 23.77
N LYS B 76 20.14 1.70 23.67
CA LYS B 76 21.16 2.55 23.09
C LYS B 76 22.10 3.14 24.13
N GLY B 77 22.04 2.66 25.38
CA GLY B 77 23.00 3.05 26.39
C GLY B 77 22.41 3.85 27.53
N GLU B 78 23.23 4.67 28.17
CA GLU B 78 22.74 5.49 29.27
C GLU B 78 22.19 6.80 28.76
N LEU B 79 21.36 7.43 29.58
CA LEU B 79 20.71 8.67 29.19
C LEU B 79 21.70 9.80 28.91
N ASP B 80 22.70 9.98 29.79
CA ASP B 80 23.64 11.08 29.56
C ASP B 80 24.41 10.88 28.26
N GLU B 81 24.81 9.64 27.96
CA GLU B 81 25.43 9.36 26.67
C GLU B 81 24.44 9.60 25.54
N ILE B 82 23.21 9.10 25.69
CA ILE B 82 22.20 9.28 24.65
C ILE B 82 21.93 10.76 24.41
N ARG B 83 21.74 11.51 25.50
CA ARG B 83 21.43 12.93 25.38
C ARG B 83 22.55 13.69 24.68
N LYS B 84 23.81 13.33 24.96
CA LYS B 84 24.93 14.01 24.30
C LYS B 84 24.92 13.76 22.79
N ILE B 85 24.60 12.54 22.37
CA ILE B 85 24.39 12.28 20.96
C ILE B 85 23.21 13.10 20.44
N GLY B 86 22.18 13.29 21.27
CA GLY B 86 21.05 14.11 20.88
C GLY B 86 21.42 15.57 20.64
N ASP B 87 22.27 16.10 21.48
CA ASP B 87 22.78 17.45 21.26
C ASP B 87 23.47 17.57 19.92
N TYR B 88 24.28 16.61 19.57
CA TYR B 88 24.92 16.60 18.26
C TYR B 88 23.89 16.50 17.15
N ASN B 89 22.95 15.54 17.26
CA ASN B 89 21.89 15.44 16.25
C ASN B 89 21.17 16.77 16.07
N LYS B 90 20.93 17.50 17.17
CA LYS B 90 20.23 18.78 17.03
C LYS B 90 21.02 19.76 16.16
N LYS B 91 22.34 19.82 16.33
CA LYS B 91 23.14 20.73 15.51
C LYS B 91 23.08 20.34 14.03
N VAL B 92 23.13 19.04 13.74
CA VAL B 92 23.06 18.61 12.34
C VAL B 92 21.72 19.01 11.73
N PHE B 93 20.61 18.79 12.44
CA PHE B 93 19.29 19.13 11.90
C PHE B 93 19.19 20.62 11.64
N GLU B 94 19.75 21.43 12.54
CA GLU B 94 19.85 22.87 12.32
C GLU B 94 20.79 23.18 11.17
N ALA B 95 21.91 22.48 11.08
CA ALA B 95 22.81 22.66 9.95
C ALA B 95 22.12 22.29 8.64
N MET B 96 21.09 21.44 8.71
CA MET B 96 20.21 21.20 7.57
C MET B 96 19.28 22.38 7.32
N GLY B 97 19.20 23.34 8.23
CA GLY B 97 18.33 24.48 8.05
C GLY B 97 16.94 24.31 8.63
N LEU B 98 16.79 23.50 9.68
CA LEU B 98 15.51 23.36 10.37
C LEU B 98 15.56 24.11 11.69
N LYS B 99 14.99 25.31 11.70
CA LYS B 99 14.62 25.98 12.94
C LYS B 99 13.31 25.39 13.41
N ALA B 100 13.31 24.83 14.62
CA ALA B 100 12.12 24.19 15.18
C ALA B 100 12.29 24.13 16.69
N LYS B 101 11.22 23.73 17.37
CA LYS B 101 11.27 23.48 18.81
C LYS B 101 11.87 22.09 19.02
N TYR B 102 13.06 22.02 19.61
CA TYR B 102 13.72 20.76 19.92
C TYR B 102 13.47 20.43 21.38
N VAL B 103 12.97 19.22 21.64
CA VAL B 103 12.68 18.74 22.99
C VAL B 103 13.39 17.42 23.22
N TYR B 104 13.87 17.20 24.43
CA TYR B 104 14.29 15.91 24.88
C TYR B 104 13.08 15.16 25.38
N GLY B 105 12.89 13.93 24.94
CA GLY B 105 11.71 13.18 25.35
C GLY B 105 11.63 13.07 26.86
N SER B 106 12.78 12.89 27.52
CA SER B 106 12.82 12.76 28.97
C SER B 106 12.33 14.02 29.68
N GLU B 107 12.36 15.19 29.03
CA GLU B 107 11.87 16.39 29.68
C GLU B 107 10.43 16.26 30.10
N PHE B 108 9.61 15.54 29.32
CA PHE B 108 8.19 15.39 29.64
C PHE B 108 7.71 13.96 29.82
N GLN B 109 8.48 12.96 29.38
CA GLN B 109 7.98 11.59 29.38
C GLN B 109 8.11 10.88 30.73
N LEU B 110 8.65 11.51 31.77
CA LEU B 110 8.64 10.92 33.10
C LEU B 110 7.71 11.65 34.06
N ASP B 111 6.88 12.55 33.57
CA ASP B 111 5.93 13.21 34.45
C ASP B 111 4.89 12.23 34.98
N LYS B 112 4.38 12.53 36.17
CA LYS B 112 3.41 11.67 36.84
C LYS B 112 2.17 11.45 35.96
N ASP B 113 1.57 12.55 35.45
CA ASP B 113 0.46 12.46 34.49
C ASP B 113 0.83 11.63 33.25
N TYR B 114 2.02 11.85 32.71
CA TYR B 114 2.44 11.10 31.53
C TYR B 114 2.48 9.61 31.83
N THR B 115 3.10 9.25 32.95
CA THR B 115 3.33 7.87 33.33
C THR B 115 2.00 7.15 33.56
N LEU B 116 1.09 7.78 34.29
CA LEU B 116 -0.22 7.18 34.46
C LEU B 116 -0.87 6.88 33.11
N ASN B 117 -0.80 7.82 32.16
CA ASN B 117 -1.41 7.54 30.86
C ASN B 117 -0.68 6.45 30.08
N VAL B 118 0.66 6.31 30.25
CA VAL B 118 1.35 5.14 29.70
C VAL B 118 0.70 3.85 30.22
N TYR B 119 0.50 3.78 31.52
CA TYR B 119 -0.09 2.60 32.12
C TYR B 119 -1.51 2.38 31.63
N ARG B 120 -2.24 3.47 31.38
CA ARG B 120 -3.61 3.36 30.87
C ARG B 120 -3.62 2.77 29.47
N LEU B 121 -2.72 3.26 28.61
CA LEU B 121 -2.58 2.73 27.26
C LEU B 121 -2.10 1.30 27.30
N ALA B 122 -1.28 0.95 28.29
CA ALA B 122 -0.80 -0.43 28.39
C ALA B 122 -1.96 -1.39 28.66
N LEU B 123 -3.01 -0.91 29.33
CA LEU B 123 -4.20 -1.75 29.49
C LEU B 123 -4.91 -1.96 28.17
N LYS B 124 -4.76 -1.05 27.21
CA LYS B 124 -5.50 -1.18 25.95
C LYS B 124 -4.67 -1.76 24.81
N THR B 125 -3.36 -1.94 24.99
CA THR B 125 -2.46 -2.44 23.96
C THR B 125 -2.15 -3.91 24.22
N THR B 126 -2.41 -4.77 23.24
CA THR B 126 -2.07 -6.18 23.43
C THR B 126 -0.56 -6.38 23.29
N LEU B 127 -0.04 -7.39 23.98
CA LEU B 127 1.36 -7.75 23.83
C LEU B 127 1.68 -8.05 22.38
N LYS B 128 0.80 -8.80 21.70
CA LYS B 128 1.04 -9.11 20.30
C LYS B 128 1.05 -7.86 19.43
N ARG B 129 0.11 -6.94 19.68
CA ARG B 129 0.12 -5.68 18.95
C ARG B 129 1.42 -4.91 19.18
N ALA B 130 1.83 -4.78 20.45
CA ALA B 130 3.04 -4.02 20.76
C ALA B 130 4.25 -4.64 20.08
N ARG B 131 4.38 -5.97 20.16
CA ARG B 131 5.53 -6.62 19.56
C ARG B 131 5.52 -6.48 18.05
N ARG B 132 4.35 -6.64 17.43
CA ARG B 132 4.26 -6.42 15.99
C ARG B 132 4.71 -5.02 15.59
N SER B 133 4.30 -4.00 16.35
CA SER B 133 4.68 -2.64 16.00
C SER B 133 6.18 -2.38 16.14
N MET B 134 6.92 -3.24 16.82
CA MET B 134 8.33 -2.99 17.06
C MET B 134 9.23 -3.83 16.17
N GLU B 135 8.66 -4.60 15.25
CA GLU B 135 9.48 -5.58 14.51
C GLU B 135 10.60 -4.92 13.71
N LEU B 136 10.38 -3.72 13.19
CA LEU B 136 11.41 -3.01 12.44
C LEU B 136 12.15 -1.98 13.28
N ILE B 137 11.87 -1.89 14.58
CA ILE B 137 12.47 -0.83 15.38
C ILE B 137 13.32 -1.42 16.52
N ALA B 138 12.92 -2.56 17.06
CA ALA B 138 13.57 -3.08 18.25
C ALA B 138 15.01 -3.48 17.97
N ARG B 139 15.91 -3.14 18.90
CA ARG B 139 17.27 -3.65 18.83
C ARG B 139 17.23 -5.16 18.88
N GLU B 140 18.06 -5.81 18.08
CA GLU B 140 18.04 -7.27 18.05
C GLU B 140 18.47 -7.82 19.41
N ASP B 141 17.87 -8.92 19.82
CA ASP B 141 18.08 -9.39 21.19
C ASP B 141 17.60 -10.83 21.30
N GLU B 142 18.49 -11.72 21.74
CA GLU B 142 18.14 -13.12 21.87
C GLU B 142 17.04 -13.33 22.90
N ASN B 143 16.93 -12.42 23.88
CA ASN B 143 15.92 -12.51 24.94
C ASN B 143 15.20 -11.17 25.06
N PRO B 144 14.14 -10.97 24.30
CA PRO B 144 13.49 -9.65 24.27
C PRO B 144 13.05 -9.20 25.67
N LYS B 145 13.16 -7.88 25.88
CA LYS B 145 12.93 -7.23 27.16
C LYS B 145 11.52 -6.67 27.24
N VAL B 146 11.03 -6.52 28.46
CA VAL B 146 9.79 -5.76 28.66
C VAL B 146 9.93 -4.37 28.05
N ALA B 147 11.13 -3.79 28.12
CA ALA B 147 11.35 -2.45 27.57
C ALA B 147 10.84 -2.34 26.13
N GLU B 148 10.92 -3.45 25.38
CA GLU B 148 10.54 -3.42 23.97
C GLU B 148 9.06 -3.12 23.79
N VAL B 149 8.21 -3.64 24.69
CA VAL B 149 6.78 -3.39 24.55
C VAL B 149 6.33 -2.14 25.27
N ILE B 150 7.15 -1.60 26.17
CA ILE B 150 6.87 -0.27 26.70
C ILE B 150 7.13 0.79 25.63
N TYR B 151 8.15 0.58 24.81
CA TYR B 151 8.55 1.57 23.80
C TYR B 151 7.38 2.06 22.97
N PRO B 152 6.57 1.20 22.33
CA PRO B 152 5.46 1.71 21.50
C PRO B 152 4.49 2.59 22.26
N ILE B 153 4.20 2.27 23.52
CA ILE B 153 3.19 3.06 24.18
C ILE B 153 3.78 4.37 24.67
N MET B 154 5.06 4.35 25.05
CA MET B 154 5.78 5.59 25.32
C MET B 154 5.70 6.52 24.11
N GLN B 155 5.92 5.97 22.91
CA GLN B 155 5.84 6.81 21.71
C GLN B 155 4.41 7.30 21.47
N VAL B 156 3.42 6.42 21.69
CA VAL B 156 2.03 6.79 21.45
C VAL B 156 1.64 7.96 22.33
N ASN B 157 1.88 7.82 23.64
CA ASN B 157 1.52 8.88 24.58
C ASN B 157 2.30 10.16 24.31
N GLY B 158 3.51 10.04 23.78
CA GLY B 158 4.27 11.23 23.42
C GLY B 158 3.53 12.11 22.44
N GLY B 159 3.02 11.53 21.34
CA GLY B 159 2.16 12.27 20.44
C GLY B 159 0.91 12.82 21.11
N HIS B 160 0.28 12.02 21.98
CA HIS B 160 -0.86 12.53 22.72
C HIS B 160 -0.47 13.72 23.58
N TYR B 161 0.70 13.69 24.16
CA TYR B 161 1.14 14.80 24.96
C TYR B 161 1.52 16.01 24.10
N LEU B 162 1.98 15.80 22.88
CA LEU B 162 2.46 16.92 22.07
C LEU B 162 1.34 17.72 21.44
N GLY B 163 0.13 17.19 21.38
CA GLY B 163 -0.97 17.93 20.80
C GLY B 163 -0.84 18.22 19.33
N GLY B 164 0.03 17.50 18.62
CA GLY B 164 0.25 17.79 17.22
C GLY B 164 -0.91 17.34 16.33
N ASP B 165 -1.12 18.09 15.25
CA ASP B 165 -2.05 17.64 14.21
C ASP B 165 -1.47 16.56 13.33
N VAL B 166 -0.16 16.57 13.10
CA VAL B 166 0.50 15.70 12.13
C VAL B 166 1.67 15.00 12.81
N ALA B 167 1.82 13.70 12.54
CA ALA B 167 2.95 12.91 13.02
C ALA B 167 3.72 12.39 11.81
N VAL B 168 5.02 12.67 11.77
CA VAL B 168 5.85 12.29 10.64
C VAL B 168 6.84 11.20 11.08
N GLY B 169 7.12 10.27 10.17
CA GLY B 169 8.15 9.28 10.43
C GLY B 169 8.40 8.44 9.19
N GLY B 170 9.33 7.50 9.33
CA GLY B 170 9.53 6.51 8.30
C GLY B 170 8.44 5.44 8.32
N MET B 171 8.42 4.65 7.24
CA MET B 171 7.44 3.58 7.14
C MET B 171 7.59 2.56 8.27
N GLU B 172 8.75 2.49 8.92
CA GLU B 172 8.88 1.53 10.02
C GLU B 172 8.04 1.94 11.21
N GLN B 173 7.60 3.19 11.27
CA GLN B 173 6.81 3.74 12.35
C GLN B 173 5.31 3.54 12.15
N ARG B 174 4.88 3.00 11.00
CA ARG B 174 3.47 3.11 10.69
C ARG B 174 2.59 2.28 11.64
N LYS B 175 3.08 1.13 12.13
CA LYS B 175 2.27 0.36 13.09
C LYS B 175 2.10 1.12 14.42
N ILE B 176 3.17 1.71 14.94
CA ILE B 176 3.01 2.57 16.12
C ILE B 176 2.04 3.70 15.83
N HIS B 177 2.09 4.26 14.61
CA HIS B 177 1.20 5.38 14.31
C HIS B 177 -0.26 4.94 14.21
N MET B 178 -0.51 3.80 13.57
CA MET B 178 -1.87 3.31 13.52
C MET B 178 -2.36 2.90 14.91
N LEU B 179 -1.43 2.49 15.79
CA LEU B 179 -1.83 2.19 17.16
C LEU B 179 -2.28 3.47 17.87
N ALA B 180 -1.52 4.55 17.66
CA ALA B 180 -1.89 5.84 18.23
C ALA B 180 -3.24 6.34 17.70
N ARG B 181 -3.50 6.09 16.42
CA ARG B 181 -4.79 6.48 15.86
C ARG B 181 -5.93 5.68 16.48
N GLU B 182 -5.69 4.40 16.80
CA GLU B 182 -6.73 3.62 17.45
C GLU B 182 -6.98 4.09 18.89
N LEU B 183 -5.90 4.32 19.66
CA LEU B 183 -6.00 4.46 21.11
C LEU B 183 -6.28 5.88 21.60
N LEU B 184 -5.96 6.90 20.83
CA LEU B 184 -6.07 8.25 21.36
C LEU B 184 -7.32 8.94 20.86
N PRO B 185 -7.83 9.96 21.59
CA PRO B 185 -9.08 10.63 21.17
C PRO B 185 -8.88 11.59 20.00
N LYS B 186 -7.77 12.34 19.97
CA LYS B 186 -7.40 13.09 18.78
C LYS B 186 -6.69 12.15 17.82
N LYS B 187 -7.26 11.94 16.64
CA LYS B 187 -6.64 11.10 15.63
C LYS B 187 -5.61 11.92 14.87
N VAL B 188 -4.36 11.48 14.90
CA VAL B 188 -3.26 12.24 14.31
C VAL B 188 -3.09 11.81 12.86
N VAL B 189 -2.84 12.79 12.00
CA VAL B 189 -2.52 12.55 10.59
C VAL B 189 -1.08 12.08 10.51
N CYS B 190 -0.87 10.96 9.84
CA CYS B 190 0.45 10.33 9.76
C CYS B 190 1.00 10.46 8.36
N ILE B 191 2.20 11.04 8.26
CA ILE B 191 2.89 11.19 7.00
C ILE B 191 4.13 10.32 7.08
N HIS B 192 4.20 9.31 6.23
CA HIS B 192 5.26 8.30 6.29
C HIS B 192 6.23 8.48 5.14
N ASN B 193 7.51 8.57 5.47
CA ASN B 193 8.51 8.66 4.43
C ASN B 193 9.07 7.29 4.11
N PRO B 194 9.55 7.09 2.88
CA PRO B 194 10.12 5.80 2.50
C PRO B 194 11.39 5.50 3.28
N VAL B 195 11.68 4.22 3.43
CA VAL B 195 12.95 3.79 3.99
C VAL B 195 13.87 3.50 2.83
N LEU B 196 15.08 4.09 2.83
CA LEU B 196 15.98 3.90 1.71
C LEU B 196 16.57 2.50 1.73
N THR B 197 16.93 2.01 0.54
CA THR B 197 17.63 0.74 0.43
C THR B 197 19.07 0.92 0.89
N GLY B 198 19.67 -0.15 1.39
CA GLY B 198 21.08 -0.13 1.69
C GLY B 198 21.93 0.10 0.45
N LEU B 199 23.15 0.61 0.67
CA LEU B 199 24.00 0.91 -0.47
C LEU B 199 24.40 -0.35 -1.23
N ASP B 200 24.56 -1.47 -0.54
CA ASP B 200 24.83 -2.74 -1.22
C ASP B 200 23.59 -3.35 -1.90
N GLY B 201 22.42 -2.73 -1.77
CA GLY B 201 21.21 -3.20 -2.40
C GLY B 201 20.41 -4.20 -1.59
N GLU B 202 20.98 -4.77 -0.53
CA GLU B 202 20.33 -5.83 0.21
C GLU B 202 19.79 -5.28 1.52
N GLY B 203 18.47 -5.31 1.66
CA GLY B 203 17.85 -4.83 2.87
C GLY B 203 17.85 -3.32 2.98
N LYS B 204 17.04 -2.80 3.91
CA LYS B 204 16.89 -1.37 4.08
C LYS B 204 18.14 -0.75 4.70
N MET B 205 18.27 0.56 4.53
CA MET B 205 19.35 1.32 5.13
C MET B 205 19.08 1.59 6.61
N SER B 206 20.14 1.50 7.42
CA SER B 206 19.99 1.54 8.86
C SER B 206 21.27 2.05 9.50
N SER B 207 21.13 2.92 10.50
CA SER B 207 22.27 3.29 11.34
C SER B 207 23.00 2.05 11.84
N SER B 208 22.25 1.06 12.33
CA SER B 208 22.87 -0.13 12.90
C SER B 208 23.59 -0.97 11.84
N LYS B 209 23.18 -0.85 10.59
CA LYS B 209 23.71 -1.65 9.50
C LYS B 209 24.93 -1.04 8.83
N GLY B 210 25.21 0.24 9.05
CA GLY B 210 26.35 0.90 8.42
C GLY B 210 26.37 0.76 6.91
N ASN B 211 25.24 1.07 6.28
CA ASN B 211 25.05 0.88 4.84
C ASN B 211 24.52 2.15 4.23
N PHE B 212 24.83 3.28 4.84
CA PHE B 212 24.29 4.58 4.52
C PHE B 212 25.41 5.53 4.12
N ILE B 213 25.00 6.71 3.67
CA ILE B 213 25.87 7.86 3.53
C ILE B 213 25.49 8.86 4.61
N ALA B 214 26.45 9.20 5.45
CA ALA B 214 26.25 10.25 6.46
C ALA B 214 26.27 11.62 5.79
N VAL B 215 25.48 12.56 6.34
CA VAL B 215 25.45 13.87 5.72
C VAL B 215 26.79 14.59 5.86
N ASP B 216 27.66 14.15 6.77
CA ASP B 216 28.97 14.76 6.94
C ASP B 216 30.09 13.83 6.46
N ASP B 217 29.78 12.91 5.54
CA ASP B 217 30.82 12.13 4.90
C ASP B 217 31.67 13.03 3.99
N SER B 218 32.97 12.80 3.98
CA SER B 218 33.85 13.55 3.08
C SER B 218 33.50 13.26 1.62
N PRO B 219 33.75 14.21 0.71
CA PRO B 219 33.60 13.90 -0.73
C PRO B 219 34.23 12.57 -1.17
N GLU B 220 35.45 12.25 -0.74
CA GLU B 220 36.09 11.00 -1.20
C GLU B 220 35.34 9.80 -0.67
N GLU B 221 34.84 9.88 0.57
CA GLU B 221 34.07 8.77 1.13
C GLU B 221 32.74 8.60 0.40
N ILE B 222 32.11 9.72 0.03
CA ILE B 222 30.82 9.65 -0.67
C ILE B 222 31.00 9.00 -2.03
N ARG B 223 31.90 9.58 -2.86
CA ARG B 223 32.23 8.97 -4.15
C ARG B 223 32.55 7.49 -4.00
N ALA B 224 33.35 7.12 -2.99
CA ALA B 224 33.70 5.72 -2.82
C ALA B 224 32.48 4.87 -2.49
N LYS B 225 31.62 5.35 -1.58
CA LYS B 225 30.45 4.56 -1.23
C LYS B 225 29.54 4.38 -2.43
N ILE B 226 29.32 5.48 -3.16
CA ILE B 226 28.49 5.42 -4.37
C ILE B 226 29.13 4.53 -5.43
N LYS B 227 30.45 4.65 -5.64
CA LYS B 227 31.11 3.84 -6.66
C LYS B 227 30.92 2.35 -6.39
N LYS B 228 30.97 1.98 -5.15
CA LYS B 228 30.69 0.65 -4.71
C LYS B 228 29.27 0.14 -4.81
N ALA B 229 28.33 1.04 -4.85
CA ALA B 229 26.94 0.69 -4.64
C ALA B 229 26.32 -0.22 -5.69
N TYR B 230 25.31 -0.97 -5.27
CA TYR B 230 24.48 -1.80 -6.10
C TYR B 230 23.75 -0.88 -7.03
N CYS B 231 23.85 -1.14 -8.32
CA CYS B 231 23.19 -0.36 -9.34
C CYS B 231 23.10 -1.15 -10.66
N PRO B 232 22.18 -2.21 -10.73
CA PRO B 232 22.06 -2.83 -12.07
C PRO B 232 21.55 -1.90 -13.14
N ALA B 233 22.03 -2.11 -14.35
CA ALA B 233 21.55 -1.34 -15.46
C ALA B 233 20.07 -1.61 -15.64
N GLY B 234 19.37 -0.55 -15.91
CA GLY B 234 17.94 -0.61 -16.12
C GLY B 234 17.12 -1.21 -15.01
N VAL B 235 17.63 -1.23 -13.77
CA VAL B 235 16.95 -1.87 -12.64
C VAL B 235 16.68 -0.80 -11.59
N VAL B 236 15.46 -0.24 -11.61
CA VAL B 236 15.13 0.92 -10.79
C VAL B 236 14.69 0.50 -9.39
N GLU B 237 13.93 -0.59 -9.28
CA GLU B 237 13.41 -1.00 -7.99
C GLU B 237 14.53 -1.49 -7.09
N GLY B 238 14.55 -0.98 -5.85
CA GLY B 238 15.60 -1.35 -4.92
C GLY B 238 16.96 -0.83 -5.29
N ASN B 239 17.03 0.27 -6.06
CA ASN B 239 18.29 0.81 -6.54
C ASN B 239 18.63 2.02 -5.68
N PRO B 240 19.54 1.90 -4.74
CA PRO B 240 19.83 3.00 -3.84
C PRO B 240 20.38 4.24 -4.52
N ILE B 241 21.05 4.08 -5.65
CA ILE B 241 21.54 5.23 -6.40
C ILE B 241 20.38 5.96 -7.06
N MET B 242 19.44 5.21 -7.66
CA MET B 242 18.25 5.84 -8.24
C MET B 242 17.40 6.50 -7.16
N GLU B 243 17.30 5.88 -5.99
CA GLU B 243 16.63 6.53 -4.86
C GLU B 243 17.25 7.88 -4.54
N ILE B 244 18.58 7.94 -4.45
CA ILE B 244 19.20 9.22 -4.11
C ILE B 244 18.85 10.24 -5.17
N ALA B 245 18.99 9.86 -6.46
CA ALA B 245 18.61 10.76 -7.54
C ALA B 245 17.20 11.29 -7.35
N LYS B 246 16.26 10.41 -7.02
CA LYS B 246 14.85 10.82 -6.89
C LYS B 246 14.63 11.72 -5.68
N TYR B 247 15.22 11.37 -4.52
CA TYR B 247 14.81 12.06 -3.31
C TYR B 247 15.68 13.25 -2.94
N PHE B 248 16.92 13.31 -3.44
CA PHE B 248 17.84 14.37 -3.04
C PHE B 248 18.31 15.25 -4.18
N LEU B 249 18.27 14.77 -5.41
CA LEU B 249 18.80 15.55 -6.50
C LEU B 249 17.79 16.59 -6.98
N GLU B 250 18.34 17.69 -7.52
CA GLU B 250 17.61 18.88 -7.91
C GLU B 250 17.59 18.98 -9.42
N TYR B 251 16.44 19.38 -9.99
CA TYR B 251 16.28 19.34 -11.44
C TYR B 251 15.92 20.72 -12.00
N PRO B 252 16.22 20.98 -13.28
CA PRO B 252 16.91 20.10 -14.25
C PRO B 252 18.35 19.74 -13.88
N LEU B 253 18.69 18.47 -14.06
CA LEU B 253 19.99 17.92 -13.72
C LEU B 253 20.82 17.76 -14.98
N THR B 254 22.12 17.99 -14.86
CA THR B 254 23.05 17.93 -15.98
C THR B 254 24.06 16.83 -15.71
N ILE B 255 23.73 15.61 -16.10
CA ILE B 255 24.67 14.50 -16.07
C ILE B 255 25.85 14.82 -16.98
N LYS B 256 27.00 15.14 -16.40
CA LYS B 256 28.20 15.26 -17.20
C LYS B 256 28.56 13.88 -17.77
N ARG B 257 29.14 13.90 -18.96
CA ARG B 257 29.52 12.69 -19.66
C ARG B 257 30.58 13.04 -20.66
N PRO B 258 31.51 12.14 -20.96
CA PRO B 258 32.40 12.35 -22.11
C PRO B 258 31.56 12.50 -23.37
N GLU B 259 32.05 13.30 -24.32
CA GLU B 259 31.41 13.40 -25.64
CA GLU B 259 31.26 13.34 -25.55
C GLU B 259 31.44 12.07 -26.37
N LYS B 260 32.50 11.28 -26.14
CA LYS B 260 32.62 9.98 -26.81
C LYS B 260 31.51 9.04 -26.41
N PHE B 261 30.92 9.23 -25.23
CA PHE B 261 29.84 8.39 -24.74
C PHE B 261 28.48 9.07 -24.83
N GLY B 262 28.41 10.26 -25.43
CA GLY B 262 27.14 10.90 -25.72
C GLY B 262 27.13 12.39 -25.44
N GLY B 263 28.02 12.85 -24.57
CA GLY B 263 28.01 14.24 -24.16
C GLY B 263 27.16 14.47 -22.93
N ASP B 264 27.16 15.72 -22.48
CA ASP B 264 26.37 16.11 -21.32
C ASP B 264 24.88 15.92 -21.60
N LEU B 265 24.23 15.15 -20.73
CA LEU B 265 22.78 14.92 -20.76
C LEU B 265 22.11 15.86 -19.76
N THR B 266 21.12 16.60 -20.22
CA THR B 266 20.36 17.50 -19.36
C THR B 266 18.98 16.89 -19.11
N VAL B 267 18.84 16.20 -17.99
CA VAL B 267 17.59 15.55 -17.60
C VAL B 267 16.86 16.50 -16.66
N ASN B 268 15.68 16.95 -17.07
CA ASN B 268 14.91 17.95 -16.32
C ASN B 268 13.85 17.30 -15.44
N SER B 269 13.95 15.99 -15.22
CA SER B 269 12.99 15.28 -14.39
C SER B 269 13.61 13.97 -13.94
N TYR B 270 13.24 13.52 -12.74
CA TYR B 270 13.63 12.18 -12.33
C TYR B 270 12.93 11.13 -13.18
N GLU B 271 11.66 11.38 -13.55
CA GLU B 271 10.89 10.38 -14.28
C GLU B 271 11.56 10.03 -15.60
N GLU B 272 12.07 11.03 -16.33
CA GLU B 272 12.82 10.74 -17.55
C GLU B 272 14.15 10.06 -17.23
N LEU B 273 14.87 10.58 -16.22
CA LEU B 273 16.05 9.88 -15.72
C LEU B 273 15.74 8.43 -15.47
N GLU B 274 14.59 8.14 -14.86
CA GLU B 274 14.15 6.76 -14.72
C GLU B 274 13.95 6.12 -16.09
N SER B 275 13.19 6.78 -16.98
CA SER B 275 12.96 6.23 -18.31
C SER B 275 14.26 6.09 -19.09
N LEU B 276 15.17 7.05 -18.94
CA LEU B 276 16.49 6.92 -19.53
C LEU B 276 17.23 5.72 -18.95
N PHE B 277 17.32 5.63 -17.63
CA PHE B 277 18.00 4.50 -17.00
C PHE B 277 17.28 3.19 -17.28
N LYS B 278 15.94 3.23 -17.30
CA LYS B 278 15.12 2.05 -17.59
C LYS B 278 15.54 1.39 -18.89
N ASN B 279 15.46 2.12 -19.98
CA ASN B 279 15.79 1.58 -21.29
C ASN B 279 17.27 1.33 -21.49
N LYS B 280 18.10 1.30 -20.43
CA LYS B 280 19.55 1.19 -20.52
C LYS B 280 20.18 2.28 -21.40
N GLU B 281 19.51 3.41 -21.54
CA GLU B 281 20.09 4.54 -22.24
C GLU B 281 21.19 5.19 -21.43
N LEU B 282 20.97 5.35 -20.13
CA LEU B 282 21.91 6.01 -19.23
C LEU B 282 22.62 4.95 -18.39
N HIS B 283 23.93 4.89 -18.52
CA HIS B 283 24.71 3.82 -17.92
C HIS B 283 24.89 4.03 -16.42
N PRO B 284 25.10 2.94 -15.65
CA PRO B 284 25.30 3.08 -14.20
C PRO B 284 26.50 3.95 -13.82
N MET B 285 27.63 3.74 -14.46
CA MET B 285 28.85 4.47 -14.17
C MET B 285 28.63 5.93 -14.36
N ASP B 286 27.93 6.28 -15.41
CA ASP B 286 27.63 7.69 -15.64
C ASP B 286 26.60 8.19 -14.64
N LEU B 287 25.69 7.33 -14.19
CA LEU B 287 24.71 7.74 -13.20
C LEU B 287 25.36 7.98 -11.84
N LYS B 288 26.17 7.01 -11.40
CA LYS B 288 26.90 7.13 -10.14
C LYS B 288 27.69 8.43 -10.07
N ASN B 289 28.40 8.77 -11.15
CA ASN B 289 29.29 9.93 -11.09
C ASN B 289 28.50 11.23 -11.00
N ALA B 290 27.36 11.31 -11.69
CA ALA B 290 26.52 12.50 -11.55
C ALA B 290 25.86 12.56 -10.16
N VAL B 291 25.38 11.42 -9.64
CA VAL B 291 24.71 11.42 -8.34
C VAL B 291 25.70 11.78 -7.23
N ALA B 292 26.92 11.24 -7.31
CA ALA B 292 27.94 11.53 -6.31
C ALA B 292 28.26 13.01 -6.28
N GLU B 293 28.46 13.64 -7.44
CA GLU B 293 28.88 15.03 -7.44
C GLU B 293 27.73 15.95 -7.03
N GLU B 294 26.52 15.65 -7.51
CA GLU B 294 25.35 16.40 -7.04
C GLU B 294 25.18 16.26 -5.52
N LEU B 295 25.21 15.04 -5.01
CA LEU B 295 24.99 14.82 -3.58
C LEU B 295 26.05 15.54 -2.74
N ILE B 296 27.33 15.43 -3.15
CA ILE B 296 28.41 16.15 -2.49
C ILE B 296 28.06 17.63 -2.40
N LYS B 297 27.62 18.22 -3.50
CA LYS B 297 27.27 19.63 -3.48
C LYS B 297 26.06 19.90 -2.61
N ILE B 298 25.04 19.02 -2.65
CA ILE B 298 23.89 19.14 -1.74
C ILE B 298 24.36 19.15 -0.30
N LEU B 299 25.18 18.18 0.06
CA LEU B 299 25.57 17.96 1.44
C LEU B 299 26.72 18.86 1.86
N GLU B 300 27.29 19.62 0.94
CA GLU B 300 28.46 20.42 1.28
C GLU B 300 28.18 21.51 2.32
N PRO B 301 27.13 22.32 2.21
CA PRO B 301 26.90 23.32 3.27
C PRO B 301 26.65 22.71 4.64
N ILE B 302 26.12 21.49 4.70
CA ILE B 302 25.89 20.84 5.99
C ILE B 302 27.21 20.39 6.60
N ARG B 303 28.02 19.65 5.83
CA ARG B 303 29.34 19.25 6.31
C ARG B 303 30.17 20.46 6.76
N LYS B 304 30.01 21.59 6.06
CA LYS B 304 30.79 22.79 6.38
C LYS B 304 30.38 23.39 7.72
N ARG B 305 29.06 23.56 7.92
CA ARG B 305 28.56 24.06 9.20
C ARG B 305 29.02 23.18 10.35
N LEU B 306 29.00 21.86 10.15
CA LEU B 306 29.33 20.92 11.22
C LEU B 306 30.83 20.82 11.48
N LEU B 307 31.65 21.10 10.47
CA LEU B 307 33.10 21.07 10.61
C LEU B 307 33.68 22.46 10.90
N GLU B 308 32.81 23.45 11.12
CA GLU B 308 33.25 24.85 11.17
C GLU B 308 34.12 25.15 12.39
N HIS B 309 33.88 24.47 13.52
CA HIS B 309 34.73 24.74 14.68
C HIS B 309 36.19 24.41 14.43
N HIS B 310 36.51 23.67 13.37
CA HIS B 310 37.86 23.22 13.11
C HIS B 310 38.61 24.19 12.19
#